data_6CR1
#
_entry.id   6CR1
#
_cell.length_a   125.413
_cell.length_b   195.846
_cell.length_c   48.779
_cell.angle_alpha   90.00
_cell.angle_beta   90.00
_cell.angle_gamma   90.00
#
_symmetry.space_group_name_H-M   'C 2 2 21'
#
loop_
_entity.id
_entity.type
_entity.pdbx_description
1 polymer 'Light chain of adalimumab EFab (VL-IgE CH2)'
2 polymer 'Heavy chain of adalimumab EFab (VH-IgE CH2)'
3 non-polymer DI(HYDROXYETHYL)ETHER
4 non-polymer 'NITRATE ION'
5 water water
#
loop_
_entity_poly.entity_id
_entity_poly.type
_entity_poly.pdbx_seq_one_letter_code
_entity_poly.pdbx_strand_id
1 'polypeptide(L)'
;DIQMTQSPSSLSASVGDRVTITCRASQGIRNYLAWYQQKPGKAPKLLIYAASTLQSGVPSRFSGSGSGTDFTLTISSLQP
EDVATYYCQRYNRAPYTFGQGTKVEIKRTVAAPTVKILQSSCDGGGHFPPTIQLLCLVSGYTPGTIQITWLEDGQVMDVD
LSTASTTQEGELASTQSELTLSQKHWLSDRTYTCQVTYQGHTFEDSGKKCA
;
L
2 'polypeptide(L)'
;EVQLVESGGGLVQPGRSLRLSCAASGFTFDDYAMHWVRQAPGKGLEWVSAITWNSGHIDYADSVEGRFTISRDNAKNSLY
LQMNSLRAEDTAVYYCAKVSYLSTASSLDYWGQGTLVTVSSASTKGPTVKILQSICDGGGHFPPTIQLLCLVSGYTPGTI
QITWLEDGQVMDVDLSTASTTQEGELASTQSELTLSQKHWLSDRTYTCQVTYQGHTFEDSTKKCAHHHHHH
;
H
#
loop_
_chem_comp.id
_chem_comp.type
_chem_comp.name
_chem_comp.formula
NO3 non-polymer 'NITRATE ION' 'N O3 -1'
PEG non-polymer DI(HYDROXYETHYL)ETHER 'C4 H10 O3'
#
# COMPACT_ATOMS: atom_id res chain seq x y z
N ASP A 1 4.85 32.77 -0.54
CA ASP A 1 5.10 31.40 -0.99
C ASP A 1 5.98 30.65 0.00
N ILE A 2 5.48 29.47 0.37
CA ILE A 2 6.14 28.59 1.34
C ILE A 2 6.53 27.30 0.61
N GLN A 3 7.78 26.84 0.74
CA GLN A 3 8.19 25.63 0.09
C GLN A 3 8.94 24.71 1.07
N MET A 4 8.80 23.42 0.86
CA MET A 4 9.59 22.38 1.54
C MET A 4 10.18 21.48 0.46
N THR A 5 11.51 21.39 0.40
CA THR A 5 12.13 20.56 -0.63
C THR A 5 13.05 19.54 0.03
N GLN A 6 13.31 18.45 -0.70
CA GLN A 6 14.06 17.32 -0.16
C GLN A 6 15.15 16.87 -1.12
N SER A 7 16.20 16.29 -0.59
CA SER A 7 17.18 15.64 -1.46
C SER A 7 17.60 14.31 -0.84
N PRO A 8 18.13 13.39 -1.64
CA PRO A 8 17.98 13.35 -3.11
C PRO A 8 16.59 12.92 -3.50
N SER A 9 16.31 12.82 -4.82
CA SER A 9 15.01 12.25 -5.20
C SER A 9 14.94 10.77 -4.83
N SER A 10 16.07 10.06 -4.92
CA SER A 10 16.08 8.64 -4.71
C SER A 10 17.50 8.25 -4.30
N LEU A 11 17.59 7.25 -3.44
CA LEU A 11 18.91 6.70 -3.21
C LEU A 11 18.82 5.20 -3.01
N SER A 12 19.95 4.55 -3.26
CA SER A 12 20.06 3.12 -3.19
C SER A 12 21.32 2.82 -2.39
N ALA A 13 21.22 1.91 -1.42
CA ALA A 13 22.41 1.52 -0.65
C ALA A 13 22.31 0.04 -0.31
N SER A 14 23.42 -0.53 0.12
CA SER A 14 23.42 -1.92 0.55
C SER A 14 22.86 -2.06 1.96
N VAL A 15 22.29 -3.23 2.24
N VAL A 15 22.32 -3.25 2.26
CA VAL A 15 21.85 -3.53 3.60
CA VAL A 15 21.86 -3.54 3.61
C VAL A 15 22.97 -3.21 4.57
C VAL A 15 22.97 -3.25 4.59
N GLY A 16 22.62 -2.52 5.65
CA GLY A 16 23.55 -2.13 6.68
C GLY A 16 24.24 -0.80 6.47
N ASP A 17 24.14 -0.19 5.28
CA ASP A 17 24.80 1.08 5.00
C ASP A 17 24.05 2.23 5.67
N ARG A 18 24.76 3.34 5.84
CA ARG A 18 24.19 4.57 6.32
C ARG A 18 23.52 5.29 5.16
N VAL A 19 22.34 5.87 5.41
CA VAL A 19 21.69 6.71 4.41
C VAL A 19 21.24 7.99 5.09
N THR A 20 21.45 9.10 4.40
CA THR A 20 21.07 10.42 4.94
C THR A 20 20.20 11.12 3.91
N ILE A 21 19.06 11.68 4.35
CA ILE A 21 18.20 12.42 3.44
C ILE A 21 17.95 13.80 4.03
N THR A 22 17.70 14.77 3.18
CA THR A 22 17.67 16.15 3.62
C THR A 22 16.27 16.77 3.39
N CYS A 23 15.99 17.82 4.16
CA CYS A 23 14.79 18.62 4.03
C CYS A 23 15.15 20.11 4.23
N ARG A 24 14.61 20.97 3.37
CA ARG A 24 14.89 22.40 3.40
C ARG A 24 13.58 23.19 3.46
N ALA A 25 13.45 24.05 4.46
CA ALA A 25 12.29 24.92 4.61
C ALA A 25 12.62 26.31 4.03
N SER A 26 11.66 26.92 3.35
CA SER A 26 11.94 28.22 2.76
C SER A 26 11.96 29.36 3.76
N GLN A 27 11.47 29.09 4.97
CA GLN A 27 11.43 30.08 6.03
C GLN A 27 11.85 29.30 7.26
N GLY A 28 12.39 29.98 8.27
CA GLY A 28 12.82 29.28 9.47
C GLY A 28 11.65 28.70 10.28
N ILE A 29 11.71 27.43 10.60
CA ILE A 29 10.60 26.76 11.29
C ILE A 29 11.07 26.13 12.62
N ARG A 30 12.20 26.58 13.13
CA ARG A 30 12.80 26.04 14.38
C ARG A 30 12.78 24.52 14.32
N ASN A 31 12.19 23.83 15.28
CA ASN A 31 12.13 22.41 15.28
C ASN A 31 10.73 21.85 15.06
N TYR A 32 9.87 22.63 14.41
CA TYR A 32 8.50 22.17 14.16
C TYR A 32 8.46 21.40 12.83
N LEU A 33 9.09 20.25 12.84
CA LEU A 33 9.29 19.46 11.67
C LEU A 33 9.11 17.99 11.95
N ALA A 34 8.40 17.29 11.09
CA ALA A 34 8.16 15.89 11.22
C ALA A 34 8.63 15.11 9.98
N TRP A 35 8.94 13.85 10.21
CA TRP A 35 9.28 12.92 9.14
C TRP A 35 8.33 11.73 9.15
N TYR A 36 7.91 11.32 7.96
CA TYR A 36 7.01 10.23 7.75
C TYR A 36 7.56 9.23 6.75
N GLN A 37 7.17 7.98 6.91
CA GLN A 37 7.54 6.89 6.06
C GLN A 37 6.33 6.34 5.36
N GLN A 38 6.37 6.17 4.04
CA GLN A 38 5.19 5.63 3.34
C GLN A 38 5.57 4.47 2.43
N LYS A 39 4.86 3.34 2.58
CA LYS A 39 4.98 2.20 1.70
C LYS A 39 3.85 2.17 0.67
N PRO A 40 4.01 1.43 -0.43
CA PRO A 40 2.99 1.40 -1.49
C PRO A 40 1.62 0.98 -0.99
N GLY A 41 0.61 1.75 -1.40
CA GLY A 41 -0.74 1.33 -1.07
C GLY A 41 -1.20 1.64 0.33
N LYS A 42 -0.37 2.32 1.13
CA LYS A 42 -0.62 2.50 2.56
C LYS A 42 -0.51 3.96 2.94
N ALA A 43 -1.21 4.33 4.04
CA ALA A 43 -1.06 5.66 4.57
C ALA A 43 0.38 5.84 5.07
N PRO A 44 0.86 7.07 5.11
CA PRO A 44 2.15 7.36 5.78
C PRO A 44 2.07 7.05 7.27
N LYS A 45 3.24 6.76 7.85
CA LYS A 45 3.43 6.60 9.29
C LYS A 45 4.40 7.66 9.81
N LEU A 46 4.05 8.27 10.93
CA LEU A 46 4.94 9.21 11.59
C LEU A 46 6.15 8.49 12.15
N LEU A 47 7.34 9.01 11.86
CA LEU A 47 8.60 8.45 12.39
C LEU A 47 9.26 9.34 13.41
N ILE A 48 9.35 10.65 13.13
CA ILE A 48 10.09 11.61 13.94
C ILE A 48 9.29 12.89 14.01
N TYR A 49 9.26 13.52 15.19
CA TYR A 49 8.71 14.86 15.36
C TYR A 49 9.67 15.72 16.15
N ALA A 50 9.37 17.02 16.20
CA ALA A 50 10.25 18.01 16.86
C ALA A 50 11.67 17.89 16.31
N ALA A 51 11.75 17.59 15.01
CA ALA A 51 13.00 17.42 14.23
C ALA A 51 13.84 16.20 14.62
N SER A 52 13.89 15.84 15.94
N SER A 52 13.89 15.87 15.94
CA SER A 52 14.80 14.77 16.37
CA SER A 52 14.83 14.88 16.43
C SER A 52 14.20 13.74 17.31
C SER A 52 14.26 13.92 17.48
N THR A 53 12.93 13.88 17.69
CA THR A 53 12.35 12.96 18.65
C THR A 53 11.69 11.78 17.94
N LEU A 54 12.17 10.57 18.20
CA LEU A 54 11.55 9.40 17.56
C LEU A 54 10.15 9.14 18.16
N GLN A 55 9.21 8.81 17.28
CA GLN A 55 7.91 8.29 17.70
C GLN A 55 8.09 6.94 18.39
N SER A 56 7.22 6.67 19.38
N SER A 56 7.21 6.67 19.36
CA SER A 56 7.23 5.37 20.02
CA SER A 56 7.27 5.38 20.06
C SER A 56 7.24 4.28 18.98
C SER A 56 7.19 4.24 19.06
N GLY A 57 8.07 3.26 19.21
CA GLY A 57 8.09 2.11 18.34
C GLY A 57 9.09 2.18 17.20
N VAL A 58 9.64 3.35 16.92
CA VAL A 58 10.55 3.48 15.80
C VAL A 58 11.92 2.93 16.19
N PRO A 59 12.59 2.17 15.32
CA PRO A 59 13.87 1.51 15.67
C PRO A 59 14.99 2.53 15.88
N SER A 60 15.98 2.09 16.67
N SER A 60 15.98 2.14 16.69
CA SER A 60 17.05 2.96 17.13
CA SER A 60 17.02 3.09 17.10
C SER A 60 17.96 3.41 16.00
C SER A 60 18.00 3.43 15.99
N ARG A 61 17.89 2.79 14.84
CA ARG A 61 18.74 3.15 13.72
C ARG A 61 18.29 4.48 13.07
N PHE A 62 17.11 4.95 13.42
CA PHE A 62 16.64 6.21 12.89
C PHE A 62 16.99 7.40 13.74
N SER A 63 17.35 8.51 13.15
CA SER A 63 17.58 9.73 13.87
C SER A 63 17.28 10.93 12.98
N GLY A 64 17.00 12.06 13.58
CA GLY A 64 16.83 13.30 12.84
C GLY A 64 17.60 14.44 13.47
N SER A 65 17.99 15.40 12.63
N SER A 65 17.99 15.39 12.62
CA SER A 65 18.72 16.53 13.15
CA SER A 65 18.75 16.52 13.10
C SER A 65 18.33 17.79 12.39
C SER A 65 18.29 17.79 12.40
N GLY A 66 18.66 18.92 13.01
CA GLY A 66 18.39 20.24 12.40
C GLY A 66 17.43 21.13 13.18
N SER A 67 17.59 22.44 12.96
CA SER A 67 16.69 23.43 13.53
C SER A 67 16.81 24.68 12.69
N GLY A 68 15.67 25.19 12.26
CA GLY A 68 15.65 26.37 11.42
C GLY A 68 15.21 26.09 10.02
N THR A 69 16.18 25.96 9.07
N THR A 69 16.18 25.85 9.15
CA THR A 69 15.81 25.72 7.68
CA THR A 69 15.94 25.76 7.72
C THR A 69 16.31 24.40 7.12
C THR A 69 16.32 24.41 7.14
N ASP A 70 17.43 23.89 7.57
CA ASP A 70 17.95 22.65 7.05
C ASP A 70 17.94 21.47 8.02
N PHE A 71 17.38 20.37 7.59
CA PHE A 71 17.16 19.17 8.42
C PHE A 71 17.63 17.88 7.77
N THR A 72 18.01 16.93 8.56
N THR A 72 17.87 16.90 8.55
CA THR A 72 18.34 15.64 7.97
CA THR A 72 18.45 15.66 8.05
C THR A 72 17.61 14.53 8.71
C THR A 72 17.87 14.43 8.75
N LEU A 73 17.36 13.49 8.10
CA LEU A 73 16.99 12.16 8.59
C LEU A 73 18.05 11.13 8.23
N THR A 74 18.53 10.37 9.22
CA THR A 74 19.56 9.37 8.97
C THR A 74 19.07 8.00 9.38
N ILE A 75 19.31 7.01 8.52
CA ILE A 75 19.13 5.60 8.90
C ILE A 75 20.55 5.03 9.00
N SER A 76 20.98 4.63 10.21
CA SER A 76 22.42 4.33 10.32
C SER A 76 22.78 2.97 9.73
N SER A 77 21.81 2.08 9.61
CA SER A 77 22.00 0.67 9.22
C SER A 77 20.78 0.29 8.39
N LEU A 78 20.83 0.55 7.07
CA LEU A 78 19.61 0.40 6.24
C LEU A 78 19.12 -1.06 6.20
N GLN A 79 17.85 -1.30 6.51
CA GLN A 79 17.34 -2.66 6.52
C GLN A 79 16.20 -2.82 5.52
N PRO A 80 15.89 -4.07 5.12
CA PRO A 80 14.83 -4.28 4.12
C PRO A 80 13.51 -3.62 4.46
N GLU A 81 13.11 -3.60 5.73
CA GLU A 81 11.82 -3.00 6.08
C GLU A 81 11.84 -1.47 5.99
N ASP A 82 13.00 -0.85 5.72
CA ASP A 82 13.11 0.61 5.62
C ASP A 82 12.91 1.10 4.20
N VAL A 83 12.80 0.18 3.25
CA VAL A 83 12.54 0.55 1.86
C VAL A 83 11.15 1.18 1.78
N ALA A 84 11.09 2.45 1.33
CA ALA A 84 9.89 3.27 1.45
C ALA A 84 10.18 4.64 0.85
N THR A 85 9.18 5.51 0.84
CA THR A 85 9.36 6.89 0.47
C THR A 85 9.18 7.73 1.75
N TYR A 86 10.08 8.66 1.97
CA TYR A 86 10.13 9.50 3.13
C TYR A 86 9.81 10.95 2.84
N TYR A 87 8.98 11.54 3.70
CA TYR A 87 8.56 12.91 3.60
C TYR A 87 8.77 13.72 4.86
N CYS A 88 9.20 14.94 4.69
CA CYS A 88 9.27 15.86 5.81
C CYS A 88 8.01 16.76 5.72
N GLN A 89 7.66 17.37 6.85
CA GLN A 89 6.52 18.26 6.93
C GLN A 89 6.74 19.33 7.97
N ARG A 90 6.36 20.57 7.65
CA ARG A 90 6.41 21.66 8.60
C ARG A 90 5.07 21.75 9.32
N TYR A 91 5.10 22.07 10.60
CA TYR A 91 3.87 22.24 11.36
C TYR A 91 3.89 23.42 12.32
N ASN A 92 4.79 24.34 12.08
CA ASN A 92 4.89 25.53 12.89
C ASN A 92 3.60 26.37 12.82
N ARG A 93 3.08 26.50 11.62
CA ARG A 93 1.86 27.23 11.29
C ARG A 93 1.46 26.91 9.85
N ALA A 94 0.27 27.30 9.47
CA ALA A 94 -0.17 26.97 8.10
C ALA A 94 0.71 27.73 7.11
N PRO A 95 0.96 27.16 5.95
CA PRO A 95 0.55 25.87 5.46
C PRO A 95 1.38 24.75 6.06
N TYR A 96 0.75 23.61 6.23
CA TYR A 96 1.36 22.41 6.83
C TYR A 96 1.99 21.53 5.71
N THR A 97 2.84 22.21 4.99
CA THR A 97 3.46 21.66 3.79
C THR A 97 4.37 20.48 3.93
N PHE A 98 4.17 19.52 3.05
CA PHE A 98 5.03 18.36 2.95
C PHE A 98 6.08 18.65 1.88
N GLY A 99 7.24 18.05 2.11
CA GLY A 99 8.34 18.07 1.17
C GLY A 99 8.05 17.13 0.00
N GLN A 100 8.90 17.19 -1.02
CA GLN A 100 8.77 16.42 -2.27
C GLN A 100 8.83 14.90 -2.16
N GLY A 101 9.46 14.41 -1.12
CA GLY A 101 9.63 13.01 -0.95
C GLY A 101 10.96 12.49 -1.47
N THR A 102 11.45 11.46 -0.79
CA THR A 102 12.71 10.81 -1.18
C THR A 102 12.47 9.30 -1.15
N LYS A 103 12.76 8.61 -2.26
CA LYS A 103 12.64 7.16 -2.29
C LYS A 103 13.93 6.51 -1.79
N VAL A 104 13.81 5.50 -0.94
CA VAL A 104 14.96 4.74 -0.42
C VAL A 104 14.81 3.29 -0.84
N GLU A 105 15.86 2.73 -1.48
CA GLU A 105 15.86 1.37 -2.00
C GLU A 105 17.12 0.66 -1.52
N ILE A 106 17.06 -0.67 -1.50
CA ILE A 106 18.27 -1.49 -1.22
C ILE A 106 18.87 -1.95 -2.54
N LYS A 107 20.21 -1.80 -2.64
CA LYS A 107 20.99 -2.28 -3.78
C LYS A 107 20.98 -3.79 -3.77
N ARG A 108 20.47 -4.38 -4.84
CA ARG A 108 20.13 -5.78 -4.82
C ARG A 108 21.41 -6.62 -4.84
N THR A 109 21.49 -7.55 -3.90
CA THR A 109 22.63 -8.44 -3.83
C THR A 109 22.42 -9.60 -4.80
N VAL A 110 23.50 -10.06 -5.43
CA VAL A 110 23.39 -11.19 -6.33
C VAL A 110 22.82 -12.38 -5.55
N ALA A 111 21.68 -12.90 -6.01
CA ALA A 111 20.99 -13.91 -5.23
C ALA A 111 20.06 -14.74 -6.12
N ALA A 112 19.93 -16.00 -5.75
CA ALA A 112 19.05 -16.93 -6.44
C ALA A 112 17.60 -16.43 -6.42
N PRO A 113 16.86 -16.61 -7.49
CA PRO A 113 15.45 -16.22 -7.48
C PRO A 113 14.63 -17.15 -6.60
N THR A 114 13.63 -16.58 -5.95
CA THR A 114 12.69 -17.37 -5.17
C THR A 114 11.62 -17.93 -6.10
N VAL A 115 11.05 -19.08 -5.73
CA VAL A 115 10.04 -19.78 -6.51
C VAL A 115 8.93 -20.18 -5.56
N LYS A 116 7.68 -19.83 -5.88
CA LYS A 116 6.57 -20.20 -5.01
C LYS A 116 5.34 -20.49 -5.85
N ILE A 117 4.59 -21.53 -5.47
CA ILE A 117 3.33 -21.88 -6.10
C ILE A 117 2.16 -21.38 -5.25
N LEU A 118 1.19 -20.73 -5.89
CA LEU A 118 -0.10 -20.39 -5.28
C LEU A 118 -1.16 -21.14 -6.06
N GLN A 119 -2.33 -21.34 -5.43
CA GLN A 119 -3.41 -22.08 -6.09
C GLN A 119 -4.66 -21.20 -6.11
N SER A 120 -5.56 -21.50 -7.05
CA SER A 120 -6.90 -20.88 -7.04
C SER A 120 -7.58 -21.06 -5.70
N SER A 121 -8.32 -20.04 -5.25
CA SER A 121 -9.09 -20.20 -4.04
C SER A 121 -10.48 -20.77 -4.34
N CYS A 122 -11.10 -21.36 -3.32
CA CYS A 122 -12.54 -21.61 -3.42
C CYS A 122 -13.33 -20.30 -3.26
N ASP A 123 -14.62 -20.36 -3.62
CA ASP A 123 -15.47 -19.18 -3.55
C ASP A 123 -15.82 -18.88 -2.08
N GLY A 124 -16.63 -17.84 -1.88
CA GLY A 124 -17.00 -17.46 -0.52
C GLY A 124 -17.73 -18.55 0.22
N GLY A 125 -18.51 -19.36 -0.50
CA GLY A 125 -19.19 -20.52 0.03
C GLY A 125 -18.40 -21.80 0.06
N GLY A 126 -17.07 -21.74 -0.13
CA GLY A 126 -16.21 -22.90 0.07
C GLY A 126 -16.13 -23.87 -1.08
N HIS A 127 -16.68 -23.52 -2.25
CA HIS A 127 -16.81 -24.40 -3.40
C HIS A 127 -15.62 -24.25 -4.35
N PHE A 128 -15.23 -25.35 -4.97
CA PHE A 128 -14.15 -25.31 -5.93
C PHE A 128 -14.60 -24.56 -7.18
N PRO A 129 -13.75 -23.71 -7.75
CA PRO A 129 -14.09 -23.07 -9.04
C PRO A 129 -14.15 -24.11 -10.15
N PRO A 130 -14.65 -23.73 -11.34
CA PRO A 130 -14.75 -24.71 -12.44
C PRO A 130 -13.42 -25.33 -12.84
N THR A 131 -12.37 -24.52 -12.95
CA THR A 131 -11.02 -25.01 -13.16
C THR A 131 -10.15 -24.49 -12.03
N ILE A 132 -9.01 -25.15 -11.82
CA ILE A 132 -8.01 -24.74 -10.83
C ILE A 132 -6.79 -24.27 -11.57
N GLN A 133 -6.25 -23.14 -11.17
CA GLN A 133 -4.99 -22.65 -11.69
C GLN A 133 -3.92 -22.79 -10.62
N LEU A 134 -2.76 -23.27 -11.02
CA LEU A 134 -1.58 -23.09 -10.19
C LEU A 134 -0.75 -21.99 -10.82
N LEU A 135 -0.28 -21.07 -9.98
CA LEU A 135 0.51 -19.95 -10.43
C LEU A 135 1.88 -20.07 -9.78
N CYS A 136 2.91 -20.28 -10.58
CA CYS A 136 4.29 -20.31 -10.09
C CYS A 136 4.89 -18.92 -10.25
N LEU A 137 5.30 -18.31 -9.13
CA LEU A 137 5.90 -16.97 -9.15
C LEU A 137 7.41 -17.08 -8.96
N VAL A 138 8.17 -16.56 -9.92
CA VAL A 138 9.61 -16.49 -9.82
C VAL A 138 9.97 -15.01 -9.77
N SER A 139 10.47 -14.57 -8.64
CA SER A 139 10.58 -13.14 -8.38
C SER A 139 12.02 -12.75 -8.08
N GLY A 140 12.45 -11.64 -8.68
CA GLY A 140 13.70 -10.99 -8.33
C GLY A 140 14.97 -11.61 -8.86
N TYR A 141 15.22 -11.47 -10.16
CA TYR A 141 16.39 -12.07 -10.75
C TYR A 141 16.89 -11.18 -11.89
N THR A 142 18.18 -11.29 -12.18
CA THR A 142 18.78 -10.51 -13.27
C THR A 142 18.19 -10.95 -14.61
N PRO A 143 17.69 -10.02 -15.42
CA PRO A 143 17.11 -10.40 -16.73
C PRO A 143 18.03 -11.34 -17.48
N GLY A 144 17.45 -12.42 -17.99
CA GLY A 144 18.20 -13.46 -18.64
C GLY A 144 17.27 -14.56 -19.08
N THR A 145 17.84 -15.55 -19.75
CA THR A 145 17.05 -16.71 -20.16
C THR A 145 16.62 -17.49 -18.92
N ILE A 146 15.36 -17.92 -18.92
CA ILE A 146 14.81 -18.68 -17.81
C ILE A 146 13.89 -19.72 -18.42
N GLN A 147 13.80 -20.88 -17.79
CA GLN A 147 12.91 -21.91 -18.27
C GLN A 147 12.16 -22.48 -17.10
N ILE A 148 10.83 -22.53 -17.22
CA ILE A 148 9.95 -23.08 -16.19
C ILE A 148 9.31 -24.34 -16.72
N THR A 149 9.41 -25.43 -15.95
CA THR A 149 8.80 -26.72 -16.29
C THR A 149 7.90 -27.16 -15.14
N TRP A 150 6.69 -27.63 -15.46
CA TRP A 150 5.82 -28.25 -14.47
C TRP A 150 5.97 -29.76 -14.47
N LEU A 151 6.03 -30.33 -13.26
CA LEU A 151 6.01 -31.77 -13.08
C LEU A 151 4.76 -32.14 -12.30
N GLU A 152 4.19 -33.31 -12.62
CA GLU A 152 3.10 -33.89 -11.85
C GLU A 152 3.59 -35.23 -11.36
N ASP A 153 3.58 -35.44 -10.04
CA ASP A 153 4.23 -36.60 -9.42
C ASP A 153 5.58 -36.90 -10.07
N GLY A 154 6.33 -35.86 -10.29
CA GLY A 154 7.67 -35.96 -10.81
C GLY A 154 7.89 -36.18 -12.28
N GLN A 155 6.82 -36.23 -13.04
CA GLN A 155 6.85 -36.44 -14.47
C GLN A 155 6.44 -35.16 -15.20
N VAL A 156 7.05 -34.90 -16.34
CA VAL A 156 6.83 -33.68 -17.11
C VAL A 156 5.41 -33.56 -17.57
N MET A 157 4.82 -32.37 -17.39
CA MET A 157 3.44 -32.20 -17.82
C MET A 157 3.40 -31.67 -19.25
N ASP A 158 2.28 -31.94 -19.94
CA ASP A 158 2.03 -31.37 -21.26
C ASP A 158 2.29 -29.86 -21.25
N VAL A 159 3.12 -29.41 -22.18
CA VAL A 159 3.48 -27.99 -22.22
C VAL A 159 2.26 -27.12 -22.53
N ASP A 160 1.22 -27.68 -23.16
CA ASP A 160 0.03 -26.91 -23.50
C ASP A 160 -0.73 -26.47 -22.26
N LEU A 161 -0.60 -27.22 -21.16
CA LEU A 161 -1.40 -26.92 -19.98
C LEU A 161 -0.94 -25.68 -19.25
N SER A 162 0.14 -25.04 -19.70
CA SER A 162 0.65 -23.91 -18.96
C SER A 162 1.15 -22.85 -19.94
N THR A 163 1.17 -21.62 -19.45
CA THR A 163 1.61 -20.45 -20.18
C THR A 163 2.43 -19.57 -19.26
N ALA A 164 3.56 -19.09 -19.77
CA ALA A 164 4.46 -18.21 -19.02
C ALA A 164 4.45 -16.80 -19.61
N SER A 165 5.10 -15.90 -18.88
CA SER A 165 5.17 -14.48 -19.19
C SER A 165 6.11 -13.82 -18.19
N THR A 166 6.61 -12.64 -18.55
CA THR A 166 7.64 -11.97 -17.77
C THR A 166 7.32 -10.48 -17.69
N THR A 167 7.51 -9.88 -16.51
CA THR A 167 7.48 -8.43 -16.35
C THR A 167 8.87 -7.98 -15.92
N GLN A 168 9.45 -7.04 -16.67
CA GLN A 168 10.71 -6.40 -16.29
C GLN A 168 10.36 -5.04 -15.68
N GLU A 169 10.55 -4.92 -14.38
CA GLU A 169 10.23 -3.71 -13.61
C GLU A 169 11.52 -3.19 -12.99
N GLY A 170 12.14 -2.23 -13.65
CA GLY A 170 13.38 -1.64 -13.16
C GLY A 170 14.58 -2.45 -13.57
N GLU A 171 15.41 -2.81 -12.60
CA GLU A 171 16.60 -3.62 -12.84
C GLU A 171 16.27 -5.11 -12.84
N LEU A 172 15.29 -5.53 -12.04
CA LEU A 172 14.95 -6.93 -11.86
C LEU A 172 13.88 -7.37 -12.87
N ALA A 173 13.83 -8.68 -13.08
CA ALA A 173 12.77 -9.34 -13.81
C ALA A 173 11.97 -10.21 -12.84
N SER A 174 10.71 -10.41 -13.15
CA SER A 174 9.85 -11.37 -12.49
C SER A 174 9.14 -12.16 -13.56
N THR A 175 9.03 -13.47 -13.35
CA THR A 175 8.41 -14.34 -14.33
C THR A 175 7.38 -15.17 -13.60
N GLN A 176 6.31 -15.53 -14.30
CA GLN A 176 5.34 -16.41 -13.68
C GLN A 176 4.84 -17.36 -14.74
N SER A 177 4.27 -18.48 -14.28
CA SER A 177 3.73 -19.49 -15.17
C SER A 177 2.44 -19.97 -14.57
N GLU A 178 1.40 -20.08 -15.39
CA GLU A 178 0.11 -20.46 -14.88
C GLU A 178 -0.26 -21.80 -15.50
N LEU A 179 -0.53 -22.77 -14.65
CA LEU A 179 -0.96 -24.11 -15.04
C LEU A 179 -2.45 -24.22 -14.80
N THR A 180 -3.19 -24.71 -15.79
CA THR A 180 -4.63 -24.91 -15.65
C THR A 180 -4.96 -26.39 -15.53
N LEU A 181 -5.73 -26.75 -14.50
CA LEU A 181 -6.15 -28.12 -14.21
C LEU A 181 -7.68 -28.17 -14.24
N SER A 182 -8.26 -29.25 -14.78
CA SER A 182 -9.70 -29.41 -14.57
C SER A 182 -9.97 -29.70 -13.10
N GLN A 183 -11.17 -29.33 -12.65
CA GLN A 183 -11.53 -29.67 -11.27
C GLN A 183 -11.34 -31.15 -10.98
N LYS A 184 -11.71 -32.04 -11.92
CA LYS A 184 -11.56 -33.47 -11.69
C LYS A 184 -10.08 -33.84 -11.56
N HIS A 185 -9.24 -33.21 -12.37
CA HIS A 185 -7.80 -33.49 -12.30
C HIS A 185 -7.23 -33.03 -10.95
N TRP A 186 -7.69 -31.90 -10.43
CA TRP A 186 -7.21 -31.43 -9.13
C TRP A 186 -7.62 -32.37 -7.99
N LEU A 187 -8.83 -32.95 -8.09
CA LEU A 187 -9.29 -33.86 -7.05
C LEU A 187 -8.47 -35.15 -6.97
N SER A 188 -7.69 -35.47 -8.02
CA SER A 188 -6.84 -36.65 -7.97
C SER A 188 -5.73 -36.54 -6.93
N ASP A 189 -5.44 -35.33 -6.44
CA ASP A 189 -4.57 -35.11 -5.28
C ASP A 189 -3.12 -35.56 -5.55
N ARG A 190 -2.59 -35.08 -6.65
CA ARG A 190 -1.21 -35.34 -7.05
C ARG A 190 -0.31 -34.19 -6.57
N THR A 191 0.99 -34.38 -6.71
CA THR A 191 1.97 -33.37 -6.29
C THR A 191 2.53 -32.63 -7.50
N TYR A 192 2.53 -31.31 -7.45
CA TYR A 192 2.96 -30.47 -8.55
C TYR A 192 4.26 -29.78 -8.20
N THR A 193 5.21 -29.76 -9.15
CA THR A 193 6.49 -29.10 -8.97
C THR A 193 6.62 -28.02 -10.02
N CYS A 194 6.99 -26.81 -9.58
CA CYS A 194 7.42 -25.76 -10.49
C CYS A 194 8.94 -25.76 -10.48
N GLN A 195 9.55 -26.17 -11.60
CA GLN A 195 10.99 -26.35 -11.71
C GLN A 195 11.57 -25.25 -12.59
N VAL A 196 12.53 -24.47 -12.07
CA VAL A 196 13.04 -23.26 -12.73
C VAL A 196 14.54 -23.41 -12.97
N THR A 197 14.98 -23.24 -14.22
CA THR A 197 16.38 -23.34 -14.57
C THR A 197 16.85 -21.95 -15.01
N TYR A 198 17.90 -21.48 -14.34
CA TYR A 198 18.38 -20.10 -14.47
C TYR A 198 19.89 -20.04 -14.26
N GLN A 199 20.57 -19.48 -15.25
CA GLN A 199 22.03 -19.46 -15.38
C GLN A 199 22.63 -20.79 -14.99
N GLY A 200 22.06 -21.88 -15.51
CA GLY A 200 22.63 -23.20 -15.35
C GLY A 200 22.28 -23.93 -14.07
N HIS A 201 21.54 -23.32 -13.15
CA HIS A 201 21.16 -23.97 -11.91
C HIS A 201 19.66 -24.13 -11.88
N THR A 202 19.19 -25.12 -11.13
CA THR A 202 17.76 -25.40 -11.09
C THR A 202 17.25 -25.28 -9.66
N PHE A 203 16.08 -24.64 -9.52
CA PHE A 203 15.47 -24.37 -8.23
C PHE A 203 14.00 -24.76 -8.37
N GLU A 204 13.34 -25.12 -7.27
CA GLU A 204 11.98 -25.60 -7.47
C GLU A 204 11.15 -25.37 -6.22
N ASP A 205 9.83 -25.40 -6.41
CA ASP A 205 8.86 -25.48 -5.32
C ASP A 205 7.86 -26.58 -5.67
N SER A 206 7.34 -27.27 -4.65
CA SER A 206 6.42 -28.38 -4.83
C SER A 206 5.28 -28.30 -3.83
N GLY A 207 4.14 -28.81 -4.23
CA GLY A 207 3.07 -28.93 -3.25
C GLY A 207 1.87 -29.66 -3.78
N LYS A 208 0.84 -29.73 -2.95
CA LYS A 208 -0.36 -30.45 -3.32
C LYS A 208 -1.53 -29.81 -2.60
N LYS A 209 -2.71 -30.18 -3.07
CA LYS A 209 -3.93 -29.73 -2.44
C LYS A 209 -3.92 -30.07 -0.95
N CYS A 210 -4.35 -29.12 -0.13
CA CYS A 210 -4.40 -29.32 1.31
C CYS A 210 -5.43 -30.38 1.67
N ALA A 211 -5.13 -31.17 2.70
CA ALA A 211 -6.00 -32.28 3.12
C ALA A 211 -7.43 -31.84 3.46
N GLU B 1 -8.22 1.23 20.45
CA GLU B 1 -7.27 1.66 19.43
C GLU B 1 -7.83 2.86 18.66
N VAL B 2 -6.98 3.83 18.33
CA VAL B 2 -7.45 4.92 17.47
C VAL B 2 -7.82 4.38 16.10
N GLN B 3 -8.94 4.87 15.56
CA GLN B 3 -9.37 4.52 14.22
C GLN B 3 -9.87 5.77 13.53
N LEU B 4 -9.52 5.91 12.26
CA LEU B 4 -10.03 6.97 11.40
C LEU B 4 -10.48 6.33 10.12
N VAL B 5 -11.74 6.54 9.74
CA VAL B 5 -12.27 5.87 8.54
C VAL B 5 -12.86 6.91 7.62
N GLU B 6 -12.20 7.12 6.46
CA GLU B 6 -12.74 8.05 5.46
C GLU B 6 -13.79 7.36 4.59
N SER B 7 -14.75 8.16 4.12
CA SER B 7 -15.73 7.64 3.18
C SER B 7 -16.20 8.79 2.33
N GLY B 8 -16.95 8.43 1.27
CA GLY B 8 -17.57 9.40 0.40
C GLY B 8 -16.86 9.60 -0.92
N GLY B 9 -15.70 8.97 -1.11
CA GLY B 9 -15.00 9.05 -2.38
C GLY B 9 -15.82 8.49 -3.53
N GLY B 10 -15.49 8.91 -4.75
CA GLY B 10 -16.19 8.39 -5.91
C GLY B 10 -15.72 9.13 -7.15
N LEU B 11 -16.46 8.89 -8.25
CA LEU B 11 -16.20 9.48 -9.56
C LEU B 11 -17.15 10.64 -9.78
N VAL B 12 -16.60 11.81 -10.10
CA VAL B 12 -17.39 13.00 -10.42
C VAL B 12 -16.80 13.70 -11.61
N GLN B 13 -17.68 14.45 -12.34
CA GLN B 13 -17.21 15.28 -13.43
C GLN B 13 -16.63 16.62 -12.95
N PRO B 14 -15.70 17.20 -13.71
CA PRO B 14 -15.17 18.52 -13.35
C PRO B 14 -16.33 19.51 -13.21
N GLY B 15 -16.21 20.36 -12.20
CA GLY B 15 -17.17 21.39 -11.90
C GLY B 15 -18.16 20.98 -10.85
N ARG B 16 -18.31 19.67 -10.61
N ARG B 16 -18.30 19.66 -10.60
CA ARG B 16 -19.26 19.12 -9.66
CA ARG B 16 -19.27 19.16 -9.65
C ARG B 16 -18.65 19.14 -8.25
C ARG B 16 -18.67 19.19 -8.24
N SER B 17 -19.44 18.68 -7.28
CA SER B 17 -19.07 18.66 -5.87
C SER B 17 -19.10 17.22 -5.34
N LEU B 18 -18.34 17.01 -4.27
CA LEU B 18 -18.37 15.74 -3.54
C LEU B 18 -18.08 16.03 -2.06
N ARG B 19 -18.72 15.31 -1.15
N ARG B 19 -18.72 15.31 -1.15
CA ARG B 19 -18.47 15.51 0.26
CA ARG B 19 -18.47 15.51 0.26
C ARG B 19 -17.84 14.28 0.88
C ARG B 19 -17.84 14.28 0.88
N LEU B 20 -16.69 14.47 1.51
CA LEU B 20 -15.99 13.37 2.19
C LEU B 20 -16.30 13.45 3.68
N SER B 21 -16.31 12.26 4.31
CA SER B 21 -16.48 12.13 5.77
C SER B 21 -15.34 11.33 6.34
N CYS B 22 -15.07 11.55 7.63
CA CYS B 22 -14.01 10.82 8.32
C CYS B 22 -14.55 10.51 9.72
N ALA B 23 -14.78 9.24 10.02
CA ALA B 23 -15.36 8.84 11.29
C ALA B 23 -14.23 8.48 12.25
N ALA B 24 -14.17 9.17 13.40
CA ALA B 24 -13.07 9.00 14.37
C ALA B 24 -13.55 8.16 15.56
N SER B 25 -12.68 7.30 16.08
CA SER B 25 -13.02 6.59 17.30
C SER B 25 -11.75 6.23 18.05
N GLY B 26 -11.89 5.84 19.33
CA GLY B 26 -10.71 5.38 20.06
C GLY B 26 -9.87 6.49 20.69
N PHE B 27 -10.30 7.74 20.60
CA PHE B 27 -9.63 8.86 21.26
C PHE B 27 -10.66 9.95 21.42
N THR B 28 -10.33 10.98 22.21
CA THR B 28 -11.28 12.06 22.45
C THR B 28 -11.18 13.04 21.29
N PHE B 29 -11.96 12.75 20.24
CA PHE B 29 -11.97 13.57 19.02
C PHE B 29 -12.10 15.05 19.31
N ASP B 30 -12.96 15.40 20.25
CA ASP B 30 -13.25 16.77 20.54
C ASP B 30 -12.04 17.58 20.97
N ASP B 31 -10.99 16.91 21.42
CA ASP B 31 -9.83 17.63 21.91
C ASP B 31 -8.76 17.95 20.87
N TYR B 32 -8.90 17.40 19.66
CA TYR B 32 -7.82 17.49 18.70
C TYR B 32 -8.09 18.18 17.36
N ALA B 33 -7.08 18.89 16.93
CA ALA B 33 -7.05 19.45 15.56
C ALA B 33 -7.00 18.29 14.55
N MET B 34 -7.55 18.52 13.37
CA MET B 34 -7.61 17.48 12.36
C MET B 34 -7.18 18.07 11.03
N HIS B 35 -6.65 17.19 10.15
CA HIS B 35 -6.24 17.64 8.81
C HIS B 35 -6.82 16.71 7.74
N TRP B 36 -6.96 17.26 6.54
CA TRP B 36 -7.06 16.44 5.32
C TRP B 36 -5.75 16.57 4.55
N VAL B 37 -5.25 15.45 4.04
CA VAL B 37 -4.03 15.39 3.21
C VAL B 37 -4.38 14.52 2.02
N ARG B 38 -3.87 14.84 0.83
CA ARG B 38 -4.24 14.02 -0.32
C ARG B 38 -2.98 13.59 -1.07
N GLN B 39 -3.18 12.62 -1.98
CA GLN B 39 -2.04 12.11 -2.76
C GLN B 39 -2.55 11.73 -4.16
N ALA B 40 -2.13 12.54 -5.14
CA ALA B 40 -2.53 12.29 -6.53
C ALA B 40 -1.78 11.07 -7.05
N PRO B 41 -2.30 10.43 -8.09
CA PRO B 41 -1.70 9.19 -8.57
C PRO B 41 -0.23 9.36 -8.91
N GLY B 42 0.60 8.56 -8.26
CA GLY B 42 2.02 8.58 -8.50
C GLY B 42 2.77 9.78 -7.95
N LYS B 43 2.12 10.63 -7.15
CA LYS B 43 2.70 11.89 -6.71
C LYS B 43 2.92 11.86 -5.20
N GLY B 44 3.53 12.92 -4.67
CA GLY B 44 3.78 13.01 -3.23
C GLY B 44 2.54 13.48 -2.43
N LEU B 45 2.71 13.48 -1.10
CA LEU B 45 1.64 14.01 -0.20
C LEU B 45 1.45 15.50 -0.38
N GLU B 46 0.18 15.93 -0.36
CA GLU B 46 -0.15 17.36 -0.44
C GLU B 46 -1.12 17.67 0.70
N TRP B 47 -0.68 18.51 1.65
CA TRP B 47 -1.58 19.00 2.70
C TRP B 47 -2.72 19.79 2.06
N VAL B 48 -3.97 19.53 2.52
CA VAL B 48 -5.16 20.19 1.97
C VAL B 48 -5.75 21.21 2.94
N SER B 49 -5.99 20.81 4.21
CA SER B 49 -6.74 21.72 5.09
C SER B 49 -6.57 21.28 6.53
N ALA B 50 -6.71 22.25 7.45
CA ALA B 50 -6.59 22.02 8.91
C ALA B 50 -7.77 22.71 9.60
N ILE B 51 -8.24 22.07 10.69
CA ILE B 51 -9.29 22.70 11.51
C ILE B 51 -8.99 22.43 12.96
N THR B 52 -9.13 23.45 13.81
CA THR B 52 -8.84 23.27 15.24
C THR B 52 -10.02 22.59 15.94
N TRP B 53 -9.76 22.21 17.21
CA TRP B 53 -10.69 21.34 17.96
C TRP B 53 -12.11 21.91 18.01
N ASN B 54 -12.25 23.22 18.18
CA ASN B 54 -13.57 23.86 18.30
C ASN B 54 -13.97 24.60 17.03
N SER B 55 -13.27 24.30 15.92
CA SER B 55 -13.52 24.91 14.62
C SER B 55 -13.17 26.39 14.56
N GLY B 56 -12.46 26.95 15.55
CA GLY B 56 -12.19 28.39 15.57
C GLY B 56 -11.20 28.84 14.52
N HIS B 57 -10.22 27.99 14.17
CA HIS B 57 -9.23 28.40 13.17
C HIS B 57 -9.16 27.35 12.07
N ILE B 58 -9.32 27.81 10.83
CA ILE B 58 -9.31 26.94 9.65
C ILE B 58 -8.28 27.46 8.65
N ASP B 59 -7.54 26.55 8.03
CA ASP B 59 -6.61 26.94 7.01
C ASP B 59 -6.72 25.98 5.82
N TYR B 60 -6.36 26.50 4.64
CA TYR B 60 -6.37 25.74 3.40
C TYR B 60 -5.13 25.88 2.57
N ALA B 61 -4.75 24.82 1.86
CA ALA B 61 -3.70 24.98 0.85
C ALA B 61 -4.15 26.00 -0.21
N ASP B 62 -3.21 26.78 -0.74
CA ASP B 62 -3.57 27.70 -1.80
C ASP B 62 -4.26 27.01 -2.98
N SER B 63 -3.90 25.75 -3.23
CA SER B 63 -4.46 25.00 -4.37
C SER B 63 -5.94 24.71 -4.26
N VAL B 64 -6.53 24.81 -3.05
CA VAL B 64 -7.96 24.49 -2.87
C VAL B 64 -8.72 25.65 -2.24
N GLU B 65 -8.02 26.71 -1.82
CA GLU B 65 -8.69 27.84 -1.17
C GLU B 65 -9.84 28.37 -2.02
N GLY B 66 -11.00 28.59 -1.38
CA GLY B 66 -12.19 29.08 -2.07
C GLY B 66 -13.06 28.00 -2.69
N ARG B 67 -12.53 26.79 -2.84
CA ARG B 67 -13.27 25.68 -3.44
C ARG B 67 -13.64 24.58 -2.46
N PHE B 68 -12.83 24.36 -1.43
CA PHE B 68 -13.10 23.29 -0.48
C PHE B 68 -13.47 23.93 0.86
N THR B 69 -14.34 23.26 1.61
CA THR B 69 -14.72 23.74 2.94
C THR B 69 -14.57 22.59 3.95
N ILE B 70 -13.71 22.79 4.97
CA ILE B 70 -13.52 21.79 6.02
C ILE B 70 -14.51 22.09 7.13
N SER B 71 -14.99 21.05 7.82
CA SER B 71 -15.88 21.25 8.97
C SER B 71 -15.82 20.00 9.82
N ARG B 72 -16.43 20.05 11.00
CA ARG B 72 -16.43 18.91 11.87
C ARG B 72 -17.69 18.95 12.71
N ASP B 73 -18.10 17.78 13.19
CA ASP B 73 -19.22 17.65 14.12
C ASP B 73 -18.74 16.85 15.31
N ASN B 74 -18.38 17.57 16.37
CA ASN B 74 -17.78 16.86 17.49
C ASN B 74 -18.76 15.90 18.17
N ALA B 75 -20.05 16.22 18.12
CA ALA B 75 -21.01 15.31 18.74
C ALA B 75 -21.07 13.98 18.00
N LYS B 76 -20.80 13.96 16.71
CA LYS B 76 -20.76 12.74 15.90
C LYS B 76 -19.34 12.21 15.70
N ASN B 77 -18.35 12.81 16.33
CA ASN B 77 -16.93 12.45 16.15
C ASN B 77 -16.56 12.29 14.67
N SER B 78 -16.98 13.26 13.87
CA SER B 78 -16.77 13.21 12.43
C SER B 78 -16.13 14.48 11.90
N LEU B 79 -15.24 14.30 10.90
CA LEU B 79 -14.59 15.38 10.19
C LEU B 79 -15.12 15.35 8.75
N TYR B 80 -15.32 16.52 8.11
CA TYR B 80 -15.87 16.53 6.75
C TYR B 80 -15.00 17.38 5.82
N LEU B 81 -15.11 17.10 4.51
CA LEU B 81 -14.49 17.96 3.49
C LEU B 81 -15.52 18.13 2.38
N GLN B 82 -16.08 19.35 2.25
CA GLN B 82 -16.99 19.65 1.15
C GLN B 82 -16.12 20.14 0.00
N MET B 83 -16.07 19.37 -1.10
CA MET B 83 -15.19 19.69 -2.23
C MET B 83 -16.08 20.21 -3.36
N ASN B 84 -15.97 21.50 -3.63
CA ASN B 84 -16.72 22.14 -4.71
C ASN B 84 -15.80 22.54 -5.86
N SER B 85 -16.41 22.88 -6.99
CA SER B 85 -15.69 23.41 -8.13
C SER B 85 -14.54 22.47 -8.48
N LEU B 86 -14.83 21.16 -8.53
CA LEU B 86 -13.73 20.19 -8.67
C LEU B 86 -13.05 20.28 -10.03
N ARG B 87 -11.76 19.94 -10.03
CA ARG B 87 -10.90 19.98 -11.19
C ARG B 87 -10.28 18.60 -11.35
N ALA B 88 -9.87 18.26 -12.58
CA ALA B 88 -9.20 16.98 -12.83
C ALA B 88 -8.04 16.77 -11.87
N GLU B 89 -7.28 17.81 -11.59
CA GLU B 89 -6.09 17.61 -10.73
C GLU B 89 -6.42 17.50 -9.25
N ASP B 90 -7.71 17.53 -8.86
CA ASP B 90 -8.09 17.16 -7.51
C ASP B 90 -8.20 15.63 -7.36
N THR B 91 -8.04 14.86 -8.45
CA THR B 91 -8.05 13.42 -8.36
C THR B 91 -6.93 12.96 -7.43
N ALA B 92 -7.29 12.17 -6.41
CA ALA B 92 -6.30 11.77 -5.39
C ALA B 92 -6.98 10.78 -4.45
N VAL B 93 -6.13 10.21 -3.60
CA VAL B 93 -6.61 9.49 -2.45
C VAL B 93 -6.60 10.59 -1.33
N TYR B 94 -7.69 10.70 -0.57
CA TYR B 94 -7.80 11.71 0.47
C TYR B 94 -7.78 11.04 1.83
N TYR B 95 -6.86 11.52 2.64
CA TYR B 95 -6.66 10.99 3.98
C TYR B 95 -7.05 11.97 5.07
N CYS B 96 -7.73 11.48 6.09
CA CYS B 96 -7.80 12.33 7.27
C CYS B 96 -6.79 11.89 8.32
N ALA B 97 -6.33 12.87 9.07
CA ALA B 97 -5.32 12.66 10.09
C ALA B 97 -5.54 13.53 11.31
N LYS B 98 -5.12 12.96 12.43
CA LYS B 98 -5.17 13.56 13.74
C LYS B 98 -3.79 14.07 14.14
N VAL B 99 -3.72 15.21 14.81
CA VAL B 99 -2.48 15.72 15.34
C VAL B 99 -2.14 15.03 16.68
N SER B 100 -0.86 15.05 17.01
CA SER B 100 -0.39 14.28 18.17
C SER B 100 -0.88 14.82 19.50
N TYR B 101 -0.84 16.13 19.66
CA TYR B 101 -1.03 16.75 20.98
C TYR B 101 -2.14 17.79 20.88
N LEU B 102 -2.44 18.45 21.99
CA LEU B 102 -3.49 19.47 22.02
C LEU B 102 -2.95 20.79 21.52
N SER B 103 -2.36 20.77 20.30
CA SER B 103 -1.82 21.98 19.65
C SER B 103 -1.87 21.70 18.16
N THR B 104 -2.16 22.73 17.34
CA THR B 104 -1.97 22.52 15.90
C THR B 104 -0.51 22.42 15.55
N ALA B 105 0.37 22.92 16.43
CA ALA B 105 1.81 22.82 16.17
C ALA B 105 2.35 21.49 16.69
N SER B 106 1.75 20.40 16.17
CA SER B 106 2.22 19.04 16.49
C SER B 106 2.03 18.17 15.24
N SER B 107 2.78 17.07 15.19
CA SER B 107 2.83 16.16 14.05
C SER B 107 1.53 15.36 13.88
N LEU B 108 1.39 14.73 12.72
CA LEU B 108 0.16 13.94 12.39
C LEU B 108 0.38 12.47 12.74
N ASP B 109 -0.10 12.06 13.95
CA ASP B 109 0.32 10.75 14.43
C ASP B 109 -0.58 9.59 14.00
N TYR B 110 -1.83 9.83 13.57
N TYR B 110 -1.81 9.85 13.54
CA TYR B 110 -2.72 8.77 13.11
CA TYR B 110 -2.63 8.75 13.05
C TYR B 110 -3.40 9.19 11.82
C TYR B 110 -3.37 9.19 11.81
N TRP B 111 -3.46 8.28 10.85
CA TRP B 111 -4.00 8.56 9.52
C TRP B 111 -5.01 7.45 9.21
N GLY B 112 -6.12 7.78 8.54
CA GLY B 112 -6.94 6.74 7.95
C GLY B 112 -6.24 6.13 6.74
N GLN B 113 -6.90 5.14 6.11
CA GLN B 113 -6.27 4.56 4.91
C GLN B 113 -6.74 5.21 3.63
N GLY B 114 -7.65 6.20 3.73
CA GLY B 114 -7.96 7.09 2.63
C GLY B 114 -9.22 6.66 1.86
N THR B 115 -9.77 7.63 1.13
CA THR B 115 -10.89 7.40 0.23
C THR B 115 -10.52 7.98 -1.12
N LEU B 116 -10.88 7.28 -2.20
CA LEU B 116 -10.42 7.62 -3.54
C LEU B 116 -11.41 8.55 -4.22
N VAL B 117 -10.90 9.66 -4.73
CA VAL B 117 -11.67 10.66 -5.46
C VAL B 117 -11.13 10.73 -6.88
N THR B 118 -12.00 10.51 -7.88
CA THR B 118 -11.60 10.62 -9.27
C THR B 118 -12.44 11.72 -9.91
N VAL B 119 -11.79 12.73 -10.47
CA VAL B 119 -12.50 13.81 -11.16
C VAL B 119 -12.18 13.67 -12.64
N SER B 120 -13.15 13.22 -13.41
CA SER B 120 -12.86 12.83 -14.78
C SER B 120 -14.15 12.76 -15.55
N SER B 121 -14.04 12.97 -16.87
CA SER B 121 -15.06 12.60 -17.83
C SER B 121 -14.64 11.39 -18.65
N ALA B 122 -13.41 10.91 -18.49
CA ALA B 122 -12.91 9.82 -19.31
C ALA B 122 -13.50 8.49 -18.86
N SER B 123 -13.75 7.61 -19.82
CA SER B 123 -14.14 6.24 -19.52
C SER B 123 -12.90 5.38 -19.37
N THR B 124 -13.04 4.26 -18.67
CA THR B 124 -11.88 3.45 -18.34
C THR B 124 -12.24 1.96 -18.33
N LYS B 125 -11.22 1.15 -18.61
CA LYS B 125 -11.33 -0.30 -18.48
C LYS B 125 -11.21 -0.69 -17.00
N GLY B 126 -12.26 -1.33 -16.47
CA GLY B 126 -12.25 -1.77 -15.09
C GLY B 126 -11.27 -2.91 -14.87
N PRO B 127 -11.09 -3.31 -13.62
CA PRO B 127 -10.04 -4.31 -13.32
C PRO B 127 -10.60 -5.71 -13.15
N THR B 128 -9.81 -6.74 -13.45
CA THR B 128 -10.15 -8.10 -13.05
C THR B 128 -9.57 -8.37 -11.67
N VAL B 129 -10.35 -9.05 -10.82
CA VAL B 129 -9.95 -9.32 -9.43
C VAL B 129 -10.03 -10.82 -9.19
N LYS B 130 -8.99 -11.39 -8.57
CA LYS B 130 -9.00 -12.81 -8.25
C LYS B 130 -8.07 -13.07 -7.07
N ILE B 131 -8.45 -14.00 -6.21
CA ILE B 131 -7.67 -14.35 -5.03
C ILE B 131 -7.03 -15.71 -5.22
N LEU B 132 -5.73 -15.78 -4.96
CA LEU B 132 -5.00 -17.04 -4.93
C LEU B 132 -4.54 -17.30 -3.49
N GLN B 133 -4.11 -18.55 -3.22
CA GLN B 133 -3.75 -18.85 -1.84
C GLN B 133 -2.64 -19.89 -1.81
N SER B 134 -1.97 -19.94 -0.66
CA SER B 134 -0.91 -20.93 -0.42
C SER B 134 -1.36 -22.35 -0.79
N ILE B 135 -0.45 -23.12 -1.41
CA ILE B 135 -0.64 -24.56 -1.49
C ILE B 135 -0.01 -25.21 -0.26
N CYS B 136 -0.42 -26.44 0.02
CA CYS B 136 0.24 -27.25 1.05
C CYS B 136 1.48 -27.93 0.50
N ASP B 137 2.34 -28.44 1.39
CA ASP B 137 3.58 -29.04 0.91
C ASP B 137 3.32 -30.48 0.47
N GLY B 138 4.41 -31.19 0.12
CA GLY B 138 4.26 -32.52 -0.45
C GLY B 138 3.58 -33.49 0.50
N GLY B 139 3.72 -33.27 1.80
CA GLY B 139 3.04 -34.07 2.79
C GLY B 139 1.63 -33.62 3.10
N GLY B 140 1.13 -32.60 2.41
CA GLY B 140 -0.22 -32.11 2.66
C GLY B 140 -0.36 -31.16 3.85
N HIS B 141 0.74 -30.65 4.39
CA HIS B 141 0.74 -29.80 5.56
C HIS B 141 0.71 -28.33 5.15
N PHE B 142 0.05 -27.50 5.98
CA PHE B 142 0.03 -26.07 5.73
C PHE B 142 1.42 -25.46 5.90
N PRO B 143 1.73 -24.38 5.19
CA PRO B 143 2.95 -23.64 5.49
C PRO B 143 2.85 -23.03 6.88
N PRO B 144 3.94 -22.44 7.42
CA PRO B 144 3.83 -21.80 8.74
C PRO B 144 2.73 -20.76 8.81
N THR B 145 2.55 -19.98 7.74
CA THR B 145 1.42 -19.07 7.66
C THR B 145 0.81 -19.20 6.27
N ILE B 146 -0.45 -18.75 6.15
CA ILE B 146 -1.24 -18.85 4.94
C ILE B 146 -1.27 -17.49 4.25
N GLN B 147 -0.86 -17.45 2.98
CA GLN B 147 -0.87 -16.23 2.20
C GLN B 147 -2.10 -16.24 1.32
N LEU B 148 -2.83 -15.14 1.29
CA LEU B 148 -3.83 -14.90 0.26
C LEU B 148 -3.30 -13.81 -0.64
N LEU B 149 -3.32 -14.03 -1.95
CA LEU B 149 -2.78 -13.05 -2.88
C LEU B 149 -3.93 -12.55 -3.74
N CYS B 150 -4.29 -11.28 -3.58
CA CYS B 150 -5.32 -10.67 -4.41
C CYS B 150 -4.66 -10.00 -5.63
N LEU B 151 -5.00 -10.47 -6.82
CA LEU B 151 -4.42 -10.00 -8.06
C LEU B 151 -5.42 -9.06 -8.73
N VAL B 152 -5.02 -7.82 -8.95
CA VAL B 152 -5.88 -6.81 -9.56
C VAL B 152 -5.18 -6.36 -10.82
N SER B 153 -5.75 -6.69 -11.97
CA SER B 153 -5.04 -6.53 -13.23
C SER B 153 -5.94 -5.99 -14.32
N GLY B 154 -5.32 -5.50 -15.39
CA GLY B 154 -6.05 -5.26 -16.62
C GLY B 154 -7.03 -4.12 -16.53
N TYR B 155 -6.60 -3.01 -15.94
CA TYR B 155 -7.42 -1.81 -15.83
C TYR B 155 -6.61 -0.64 -16.36
N THR B 156 -7.32 0.35 -16.89
CA THR B 156 -6.66 1.55 -17.38
C THR B 156 -5.73 2.08 -16.29
N PRO B 157 -4.48 2.40 -16.61
CA PRO B 157 -3.58 2.92 -15.58
C PRO B 157 -4.22 4.07 -14.82
N GLY B 158 -4.14 3.95 -13.51
CA GLY B 158 -4.78 4.89 -12.61
C GLY B 158 -4.76 4.26 -11.23
N THR B 159 -5.29 5.00 -10.27
CA THR B 159 -5.26 4.54 -8.88
C THR B 159 -6.27 3.44 -8.58
N ILE B 160 -5.80 2.42 -7.85
CA ILE B 160 -6.66 1.41 -7.27
C ILE B 160 -6.66 1.55 -5.76
N GLN B 161 -7.85 1.42 -5.15
CA GLN B 161 -7.95 1.15 -3.72
C GLN B 161 -8.27 -0.33 -3.52
N ILE B 162 -7.40 -1.01 -2.76
CA ILE B 162 -7.60 -2.40 -2.33
C ILE B 162 -7.82 -2.45 -0.83
N THR B 163 -8.89 -3.11 -0.41
CA THR B 163 -9.19 -3.30 1.00
C THR B 163 -9.45 -4.77 1.25
N TRP B 164 -8.84 -5.32 2.30
CA TRP B 164 -9.19 -6.67 2.75
C TRP B 164 -10.27 -6.62 3.81
N LEU B 165 -11.31 -7.42 3.63
CA LEU B 165 -12.42 -7.55 4.57
C LEU B 165 -12.42 -8.95 5.15
N GLU B 166 -12.69 -9.05 6.45
CA GLU B 166 -12.90 -10.32 7.13
C GLU B 166 -14.35 -10.38 7.61
N ASP B 167 -15.18 -11.17 6.94
CA ASP B 167 -16.60 -11.27 7.30
C ASP B 167 -17.29 -9.91 7.19
N GLY B 168 -16.87 -9.12 6.19
CA GLY B 168 -17.38 -7.78 5.97
C GLY B 168 -16.68 -6.67 6.74
N GLN B 169 -15.88 -7.00 7.76
CA GLN B 169 -15.14 -6.03 8.55
C GLN B 169 -13.80 -5.73 7.89
N VAL B 170 -13.43 -4.45 7.85
CA VAL B 170 -12.13 -4.07 7.30
C VAL B 170 -11.02 -4.62 8.18
N MET B 171 -10.01 -5.19 7.56
CA MET B 171 -8.94 -5.82 8.31
C MET B 171 -7.83 -4.82 8.63
N ASP B 172 -7.08 -5.11 9.70
CA ASP B 172 -5.86 -4.39 10.06
C ASP B 172 -4.99 -4.10 8.85
N VAL B 173 -4.55 -2.85 8.74
CA VAL B 173 -3.74 -2.44 7.59
C VAL B 173 -2.39 -3.13 7.57
N ASP B 174 -1.84 -3.47 8.75
CA ASP B 174 -0.50 -4.06 8.77
C ASP B 174 -0.50 -5.56 8.45
N LEU B 175 -1.66 -6.18 8.23
CA LEU B 175 -1.70 -7.59 7.84
C LEU B 175 -1.47 -7.82 6.34
N SER B 176 -1.37 -6.75 5.54
CA SER B 176 -1.19 -6.91 4.10
C SER B 176 -0.12 -5.95 3.60
N THR B 177 0.51 -6.32 2.50
CA THR B 177 1.43 -5.46 1.76
C THR B 177 1.00 -5.45 0.31
N ALA B 178 1.31 -4.37 -0.40
CA ALA B 178 0.86 -4.24 -1.77
C ALA B 178 2.01 -3.79 -2.66
N SER B 179 2.01 -4.26 -3.89
CA SER B 179 3.02 -3.85 -4.87
C SER B 179 2.39 -3.76 -6.25
N THR B 180 2.81 -2.77 -7.03
CA THR B 180 2.25 -2.52 -8.34
C THR B 180 3.34 -2.55 -9.40
N THR B 181 3.00 -3.06 -10.58
CA THR B 181 3.83 -2.93 -11.79
C THR B 181 2.96 -2.40 -12.93
N GLN B 182 3.58 -1.60 -13.82
CA GLN B 182 2.90 -0.99 -14.96
C GLN B 182 3.58 -1.42 -16.24
N GLU B 183 2.85 -2.15 -17.10
CA GLU B 183 3.41 -2.60 -18.37
C GLU B 183 3.60 -1.46 -19.38
N GLY B 184 3.16 -0.24 -19.04
CA GLY B 184 3.13 0.85 -19.99
C GLY B 184 1.70 1.05 -20.45
N GLU B 185 1.14 0.03 -21.11
CA GLU B 185 -0.26 0.12 -21.51
C GLU B 185 -1.18 0.04 -20.30
N LEU B 186 -0.92 -0.89 -19.36
CA LEU B 186 -1.83 -1.16 -18.25
C LEU B 186 -1.04 -1.44 -16.98
N ALA B 187 -1.69 -1.23 -15.83
CA ALA B 187 -1.12 -1.51 -14.53
C ALA B 187 -1.76 -2.76 -13.92
N SER B 188 -1.09 -3.31 -12.91
CA SER B 188 -1.57 -4.49 -12.22
C SER B 188 -1.01 -4.49 -10.80
N THR B 189 -1.85 -4.87 -9.84
CA THR B 189 -1.45 -4.80 -8.43
C THR B 189 -1.65 -6.15 -7.76
N GLN B 190 -0.75 -6.49 -6.83
CA GLN B 190 -0.81 -7.69 -6.00
C GLN B 190 -0.88 -7.27 -4.53
N SER B 191 -1.95 -7.64 -3.82
CA SER B 191 -2.03 -7.42 -2.37
C SER B 191 -1.92 -8.76 -1.65
N GLU B 192 -0.93 -8.88 -0.77
CA GLU B 192 -0.66 -10.14 -0.10
C GLU B 192 -1.09 -10.03 1.36
N LEU B 193 -2.05 -10.88 1.76
CA LEU B 193 -2.52 -10.93 3.14
C LEU B 193 -1.88 -12.13 3.83
N THR B 194 -1.36 -11.92 5.03
CA THR B 194 -0.74 -13.01 5.80
C THR B 194 -1.65 -13.40 6.94
N LEU B 195 -2.11 -14.65 6.95
CA LEU B 195 -3.04 -15.18 7.94
C LEU B 195 -2.36 -16.31 8.71
N SER B 196 -2.58 -16.36 10.01
CA SER B 196 -2.09 -17.51 10.75
C SER B 196 -2.96 -18.75 10.45
N GLN B 197 -2.44 -19.91 10.81
CA GLN B 197 -3.16 -21.14 10.50
C GLN B 197 -4.49 -21.22 11.25
N LYS B 198 -4.47 -20.93 12.56
CA LYS B 198 -5.72 -20.93 13.32
C LYS B 198 -6.69 -19.94 12.70
N HIS B 199 -6.17 -18.80 12.27
CA HIS B 199 -6.97 -17.75 11.67
C HIS B 199 -7.65 -18.31 10.42
N TRP B 200 -6.89 -19.03 9.57
CA TRP B 200 -7.43 -19.60 8.33
C TRP B 200 -8.35 -20.79 8.59
N LEU B 201 -8.10 -21.55 9.65
CA LEU B 201 -8.93 -22.71 10.01
C LEU B 201 -10.24 -22.33 10.72
N SER B 202 -10.71 -21.09 10.59
CA SER B 202 -11.92 -20.64 11.25
C SER B 202 -13.10 -20.51 10.31
N ASP B 203 -12.95 -20.90 9.04
CA ASP B 203 -13.98 -20.71 8.01
C ASP B 203 -14.50 -19.27 7.96
N ARG B 204 -13.67 -18.32 8.39
CA ARG B 204 -13.99 -16.93 8.10
C ARG B 204 -13.93 -16.68 6.59
N THR B 205 -14.78 -15.80 6.10
CA THR B 205 -14.81 -15.46 4.67
C THR B 205 -13.98 -14.21 4.44
N TYR B 206 -13.04 -14.24 3.48
CA TYR B 206 -12.23 -13.05 3.25
C TYR B 206 -12.51 -12.46 1.88
N THR B 207 -12.49 -11.13 1.83
CA THR B 207 -12.92 -10.39 0.65
C THR B 207 -11.83 -9.42 0.24
N CYS B 208 -11.43 -9.48 -1.01
CA CYS B 208 -10.60 -8.47 -1.61
C CYS B 208 -11.54 -7.50 -2.29
N GLN B 209 -11.65 -6.29 -1.74
CA GLN B 209 -12.58 -5.28 -2.22
C GLN B 209 -11.80 -4.22 -2.98
N VAL B 210 -12.12 -4.02 -4.26
CA VAL B 210 -11.39 -3.08 -5.10
C VAL B 210 -12.30 -1.91 -5.52
N THR B 211 -11.85 -0.69 -5.27
CA THR B 211 -12.60 0.48 -5.72
C THR B 211 -11.90 1.13 -6.90
N TYR B 212 -12.64 1.38 -7.99
CA TYR B 212 -12.09 1.97 -9.21
C TYR B 212 -13.17 2.72 -9.99
N GLN B 213 -12.95 4.01 -10.26
CA GLN B 213 -13.81 4.81 -11.14
C GLN B 213 -15.29 4.71 -10.73
N GLY B 214 -15.53 4.89 -9.44
CA GLY B 214 -16.85 5.03 -8.89
C GLY B 214 -17.49 3.76 -8.40
N HIS B 215 -16.92 2.61 -8.73
CA HIS B 215 -17.55 1.33 -8.50
C HIS B 215 -16.66 0.46 -7.63
N THR B 216 -17.26 -0.61 -7.10
CA THR B 216 -16.61 -1.50 -6.16
C THR B 216 -16.67 -2.93 -6.68
N PHE B 217 -15.53 -3.43 -7.15
CA PHE B 217 -15.40 -4.81 -7.63
C PHE B 217 -14.83 -5.67 -6.51
N GLU B 218 -15.18 -6.95 -6.50
CA GLU B 218 -14.63 -7.74 -5.39
C GLU B 218 -14.65 -9.24 -5.70
N ASP B 219 -13.75 -9.95 -5.04
CA ASP B 219 -13.71 -11.40 -4.99
C ASP B 219 -13.64 -11.80 -3.53
N SER B 220 -14.17 -12.98 -3.20
CA SER B 220 -14.07 -13.48 -1.84
C SER B 220 -13.77 -14.97 -1.86
N THR B 221 -13.24 -15.44 -0.72
CA THR B 221 -12.85 -16.83 -0.55
C THR B 221 -13.01 -17.21 0.91
N LYS B 222 -13.34 -18.47 1.14
CA LYS B 222 -13.18 -19.15 2.41
C LYS B 222 -12.52 -20.50 2.12
N LYS B 223 -11.86 -21.05 3.14
CA LYS B 223 -11.21 -22.35 3.03
C LYS B 223 -12.14 -23.38 2.38
N CYS B 224 -11.59 -24.24 1.53
CA CYS B 224 -12.40 -25.20 0.80
C CYS B 224 -12.97 -26.27 1.75
N ALA B 225 -14.20 -26.70 1.46
CA ALA B 225 -14.91 -27.73 2.25
C ALA B 225 -14.05 -28.94 2.64
C1 PEG C . 10.93 10.53 -5.51
O1 PEG C . 11.40 10.10 -6.84
C2 PEG C . 9.44 10.60 -5.60
O2 PEG C . 8.94 11.04 -4.37
C3 PEG C . 7.51 11.13 -4.46
C4 PEG C . 6.97 9.71 -4.54
O4 PEG C . 5.67 9.50 -5.03
N NO3 D . -6.11 22.88 18.29
O1 NO3 D . -6.24 24.16 18.24
O2 NO3 D . -5.01 22.44 18.73
O3 NO3 D . -7.03 22.08 17.99
N NO3 E . -23.31 18.32 -7.28
O1 NO3 E . -22.38 18.70 -7.99
O2 NO3 E . -23.86 17.19 -7.50
O3 NO3 E . -23.70 19.06 -6.34
#